data_2Z1F
#
_entry.id   2Z1F
#
_cell.length_a   88.118
_cell.length_b   45.730
_cell.length_c   75.031
_cell.angle_alpha   90.00
_cell.angle_beta   90.00
_cell.angle_gamma   90.00
#
_symmetry.space_group_name_H-M   'P 21 21 2'
#
loop_
_entity.id
_entity.type
_entity.pdbx_description
1 polymer 'Hydrogenase expression/formation protein HypE'
2 water water
#
_entity_poly.entity_id   1
_entity_poly.type   'polypeptide(L)'
_entity_poly.pdbx_seq_one_letter_code
;MGEKIKLEHGAGGEIMEELLRDVILKTLTLKSAGGIGLDALDDGATIPFGDKHIVFTIDGHTVKPLFFPGGDIGRLAVSG
TVNDLAVMGAEPIALANSMIIGEGLDMEVLKRVLKSMDETAREVPVPIVTGDTKVVEDKIEMFVITAGIGIAEHPVSDAG
AKVGDAVLVSGTIGDHGIALMSHREGIAFETELKSDVAPIWDVVKAVAETIGWENIHAMKDPTRAGLSNALNEIARKSNV
GILVREADIPIRPEVRAASEMLGISPYDVANEGKVVMVVAREYAEEALEAMRKTEKGRNAAIIGEVIADYRGKVLLETGI
GGKRFMEPPEGDPVPRIC
;
_entity_poly.pdbx_strand_id   A
#
# COMPACT_ATOMS: atom_id res chain seq x y z
N ILE A 5 -15.08 -13.98 26.58
CA ILE A 5 -14.05 -12.96 26.25
C ILE A 5 -13.14 -13.40 25.12
N LYS A 6 -13.55 -13.14 23.88
CA LYS A 6 -12.73 -13.51 22.73
C LYS A 6 -12.23 -12.23 22.11
N LEU A 7 -10.94 -12.20 21.76
CA LEU A 7 -10.37 -11.00 21.18
C LEU A 7 -9.49 -11.26 19.96
N GLY A 10 -8.86 -9.95 23.56
CA GLY A 10 -8.68 -8.52 23.74
C GLY A 10 -9.91 -7.86 24.33
N ALA A 11 -9.69 -6.86 25.19
CA ALA A 11 -10.78 -6.16 25.84
C ALA A 11 -11.87 -5.78 24.83
N GLY A 12 -13.13 -5.98 25.21
CA GLY A 12 -14.23 -5.62 24.32
C GLY A 12 -14.20 -4.15 23.94
N GLY A 13 -14.97 -3.75 22.93
CA GLY A 13 -15.04 -2.36 22.53
C GLY A 13 -13.85 -1.88 21.70
N GLU A 14 -13.77 -0.57 21.57
CA GLU A 14 -12.68 0.08 20.83
C GLU A 14 -11.65 0.75 21.74
N ASP A 43 -4.72 0.04 10.12
CA ASP A 43 -3.72 -0.91 10.61
C ASP A 43 -4.37 -2.28 10.84
N GLY A 44 -4.07 -3.23 9.96
CA GLY A 44 -4.62 -4.57 10.11
C GLY A 44 -4.30 -5.12 11.48
N ALA A 45 -5.13 -6.03 11.96
CA ALA A 45 -4.92 -6.61 13.28
C ALA A 45 -4.53 -8.07 13.19
N THR A 46 -3.73 -8.52 14.14
N THR A 46 -3.73 -8.51 14.15
CA THR A 46 -3.32 -9.90 14.16
CA THR A 46 -3.31 -9.89 14.16
C THR A 46 -3.97 -10.60 15.33
C THR A 46 -3.97 -10.61 15.33
N ILE A 47 -4.46 -11.81 15.09
CA ILE A 47 -5.12 -12.59 16.11
C ILE A 47 -4.49 -13.98 16.21
N PRO A 48 -3.89 -14.28 17.36
CA PRO A 48 -3.28 -15.62 17.45
C PRO A 48 -4.39 -16.66 17.51
N PHE A 49 -4.28 -17.67 16.67
CA PHE A 49 -5.26 -18.72 16.64
C PHE A 49 -4.52 -20.03 16.77
N GLY A 50 -4.38 -20.50 18.01
CA GLY A 50 -3.67 -21.73 18.25
C GLY A 50 -2.21 -21.55 17.88
N ASP A 51 -1.73 -22.35 16.94
CA ASP A 51 -0.34 -22.28 16.50
C ASP A 51 -0.10 -21.24 15.40
N LYS A 52 -1.15 -20.83 14.70
CA LYS A 52 -0.99 -19.85 13.64
C LYS A 52 -1.55 -18.45 13.93
N HIS A 53 -1.38 -17.55 12.97
CA HIS A 53 -1.83 -16.17 13.13
C HIS A 53 -2.80 -15.72 12.05
N ILE A 54 -3.96 -15.24 12.48
CA ILE A 54 -4.97 -14.73 11.55
C ILE A 54 -4.83 -13.22 11.47
N VAL A 55 -4.79 -12.68 10.25
CA VAL A 55 -4.69 -11.25 10.10
C VAL A 55 -6.04 -10.79 9.56
N PHE A 56 -6.54 -9.70 10.12
CA PHE A 56 -7.88 -9.20 9.80
C PHE A 56 -7.78 -7.71 9.52
N THR A 57 -8.32 -7.29 8.38
CA THR A 57 -8.26 -5.89 8.01
C THR A 57 -9.54 -5.44 7.31
N ILE A 58 -9.79 -4.13 7.33
CA ILE A 58 -10.95 -3.57 6.62
C ILE A 58 -10.58 -2.17 6.09
N ASP A 59 -11.15 -1.79 4.96
CA ASP A 59 -10.85 -0.46 4.44
C ASP A 59 -12.01 -0.03 3.56
N GLY A 60 -12.43 1.22 3.71
CA GLY A 60 -13.52 1.75 2.89
C GLY A 60 -12.91 2.48 1.72
N HIS A 61 -13.64 2.56 0.62
CA HIS A 61 -13.17 3.23 -0.60
C HIS A 61 -14.23 4.17 -1.10
N THR A 62 -13.81 5.41 -1.31
CA THR A 62 -14.70 6.46 -1.72
C THR A 62 -14.14 7.20 -2.92
N VAL A 63 -13.23 6.55 -3.64
CA VAL A 63 -12.61 7.20 -4.79
C VAL A 63 -13.68 7.77 -5.76
N LYS A 64 -13.46 8.99 -6.23
CA LYS A 64 -14.40 9.62 -7.17
C LYS A 64 -13.55 10.40 -8.17
N PRO A 65 -13.74 10.17 -9.48
CA PRO A 65 -14.67 9.21 -10.10
C PRO A 65 -14.32 7.76 -9.84
N LEU A 66 -15.30 6.90 -10.10
CA LEU A 66 -15.17 5.47 -9.86
C LEU A 66 -14.14 4.78 -10.73
N PHE A 67 -13.87 5.35 -11.90
CA PHE A 67 -12.91 4.82 -12.84
C PHE A 67 -11.82 5.85 -13.01
N PHE A 68 -10.57 5.40 -13.07
CA PHE A 68 -9.46 6.32 -13.22
C PHE A 68 -8.41 5.67 -14.10
N PRO A 69 -7.42 6.43 -14.56
CA PRO A 69 -6.40 5.83 -15.41
C PRO A 69 -5.68 4.70 -14.68
N GLY A 70 -5.74 3.49 -15.24
CA GLY A 70 -5.09 2.34 -14.64
C GLY A 70 -5.96 1.50 -13.70
N GLY A 71 -7.20 1.92 -13.46
CA GLY A 71 -8.03 1.14 -12.55
C GLY A 71 -9.42 1.67 -12.27
N ASP A 72 -10.01 1.19 -11.17
CA ASP A 72 -11.35 1.62 -10.78
C ASP A 72 -11.52 1.22 -9.32
N ILE A 73 -12.62 1.67 -8.73
CA ILE A 73 -12.88 1.41 -7.30
C ILE A 73 -12.92 -0.09 -6.96
N GLY A 74 -13.31 -0.91 -7.91
CA GLY A 74 -13.37 -2.35 -7.67
C GLY A 74 -11.99 -2.95 -7.54
N ARG A 75 -11.13 -2.65 -8.52
CA ARG A 75 -9.76 -3.16 -8.46
C ARG A 75 -9.06 -2.57 -7.22
N LEU A 76 -9.37 -1.33 -6.89
CA LEU A 76 -8.78 -0.66 -5.74
C LEU A 76 -9.17 -1.36 -4.43
N ALA A 77 -10.45 -1.70 -4.33
CA ALA A 77 -10.94 -2.35 -3.11
C ALA A 77 -10.23 -3.68 -2.87
N VAL A 78 -10.12 -4.50 -3.89
CA VAL A 78 -9.45 -5.78 -3.74
C VAL A 78 -7.96 -5.62 -3.51
N SER A 79 -7.32 -4.77 -4.32
CA SER A 79 -5.88 -4.59 -4.20
C SER A 79 -5.45 -4.06 -2.82
N GLY A 80 -6.14 -3.02 -2.34
CA GLY A 80 -5.79 -2.44 -1.04
C GLY A 80 -5.88 -3.42 0.11
N THR A 81 -6.91 -4.26 0.12
CA THR A 81 -7.04 -5.25 1.18
C THR A 81 -5.97 -6.32 1.07
N VAL A 82 -5.75 -6.82 -0.15
CA VAL A 82 -4.72 -7.84 -0.34
C VAL A 82 -3.36 -7.29 0.08
N ASN A 83 -3.10 -6.02 -0.27
CA ASN A 83 -1.83 -5.44 0.07
C ASN A 83 -1.66 -5.21 1.56
N ASP A 84 -2.76 -4.88 2.25
CA ASP A 84 -2.64 -4.69 3.69
C ASP A 84 -2.37 -6.01 4.39
N LEU A 85 -2.89 -7.10 3.84
CA LEU A 85 -2.66 -8.43 4.39
C LEU A 85 -1.21 -8.83 4.10
N ALA A 86 -0.80 -8.57 2.86
CA ALA A 86 0.54 -8.99 2.45
C ALA A 86 1.66 -8.40 3.28
N VAL A 87 1.54 -7.12 3.64
CA VAL A 87 2.58 -6.48 4.42
C VAL A 87 2.66 -6.96 5.84
N MET A 88 1.70 -7.76 6.26
N MET A 88 1.71 -7.77 6.26
CA MET A 88 1.75 -8.34 7.61
CA MET A 88 1.75 -8.33 7.60
C MET A 88 2.21 -9.80 7.48
C MET A 88 2.22 -9.79 7.48
N GLY A 89 2.65 -10.15 6.27
CA GLY A 89 3.11 -11.51 6.02
C GLY A 89 2.00 -12.52 5.84
N ALA A 90 0.79 -12.02 5.61
CA ALA A 90 -0.34 -12.92 5.49
C ALA A 90 -0.82 -13.26 4.09
N GLU A 91 -0.92 -14.55 3.83
CA GLU A 91 -1.44 -15.03 2.57
C GLU A 91 -2.95 -14.74 2.62
N PRO A 92 -3.48 -14.03 1.63
CA PRO A 92 -4.92 -13.76 1.67
C PRO A 92 -5.71 -15.05 1.52
N ILE A 93 -6.72 -15.24 2.38
CA ILE A 93 -7.56 -16.43 2.35
C ILE A 93 -8.99 -16.13 1.94
N ALA A 94 -9.47 -14.94 2.26
CA ALA A 94 -10.85 -14.59 1.89
C ALA A 94 -11.09 -13.11 2.01
N LEU A 95 -11.96 -12.61 1.12
CA LEU A 95 -12.36 -11.20 1.14
C LEU A 95 -13.88 -11.15 1.33
N ALA A 96 -14.35 -10.07 1.93
CA ALA A 96 -15.78 -9.85 2.16
C ALA A 96 -16.04 -8.45 1.61
N ASN A 97 -17.09 -8.30 0.83
CA ASN A 97 -17.35 -7.01 0.21
C ASN A 97 -18.69 -6.40 0.51
N SER A 98 -18.67 -5.15 0.94
CA SER A 98 -19.89 -4.41 1.21
C SER A 98 -19.97 -3.30 0.18
N MET A 99 -21.11 -3.18 -0.48
CA MET A 99 -21.27 -2.09 -1.46
C MET A 99 -22.45 -1.23 -1.04
N ILE A 100 -22.29 0.09 -1.16
CA ILE A 100 -23.38 1.01 -0.84
C ILE A 100 -23.54 1.79 -2.12
N ILE A 101 -24.70 1.65 -2.74
N ILE A 101 -24.70 1.64 -2.75
CA ILE A 101 -24.96 2.28 -4.04
CA ILE A 101 -24.95 2.28 -4.03
C ILE A 101 -26.13 3.26 -4.06
C ILE A 101 -26.12 3.27 -4.05
N GLY A 102 -25.96 4.33 -4.83
CA GLY A 102 -27.02 5.33 -4.93
C GLY A 102 -28.06 4.79 -5.91
N GLU A 103 -29.34 5.06 -5.63
CA GLU A 103 -30.39 4.57 -6.50
C GLU A 103 -30.25 5.05 -7.95
N GLY A 104 -29.56 6.16 -8.15
CA GLY A 104 -29.37 6.66 -9.51
C GLY A 104 -28.23 6.06 -10.31
N LEU A 105 -27.53 5.07 -9.76
CA LEU A 105 -26.41 4.45 -10.46
C LEU A 105 -26.82 3.56 -11.63
N ASP A 106 -26.17 3.75 -12.76
CA ASP A 106 -26.44 2.94 -13.94
C ASP A 106 -25.98 1.52 -13.67
N MET A 107 -26.82 0.56 -13.99
CA MET A 107 -26.51 -0.84 -13.80
C MET A 107 -25.22 -1.25 -14.50
N GLU A 108 -24.93 -0.63 -15.64
CA GLU A 108 -23.72 -0.97 -16.37
C GLU A 108 -22.45 -0.58 -15.58
N VAL A 109 -22.52 0.52 -14.87
CA VAL A 109 -21.36 0.95 -14.07
C VAL A 109 -21.15 -0.09 -12.96
N LEU A 110 -22.24 -0.48 -12.30
CA LEU A 110 -22.15 -1.49 -11.25
C LEU A 110 -21.56 -2.80 -11.81
N LYS A 111 -22.09 -3.27 -12.94
CA LYS A 111 -21.60 -4.50 -13.53
C LYS A 111 -20.12 -4.43 -13.84
N ARG A 112 -19.65 -3.30 -14.34
CA ARG A 112 -18.24 -3.16 -14.68
C ARG A 112 -17.36 -3.19 -13.41
N VAL A 113 -17.85 -2.57 -12.35
CA VAL A 113 -17.07 -2.58 -11.10
C VAL A 113 -16.98 -3.99 -10.57
N LEU A 114 -18.09 -4.72 -10.60
CA LEU A 114 -18.10 -6.10 -10.11
C LEU A 114 -17.19 -6.96 -10.96
N LYS A 115 -17.20 -6.75 -12.27
CA LYS A 115 -16.31 -7.53 -13.14
C LYS A 115 -14.86 -7.27 -12.77
N SER A 116 -14.54 -6.01 -12.50
CA SER A 116 -13.15 -5.67 -12.16
C SER A 116 -12.78 -6.29 -10.82
N MET A 117 -13.70 -6.23 -9.85
CA MET A 117 -13.41 -6.81 -8.54
C MET A 117 -13.15 -8.29 -8.67
N ASP A 118 -14.01 -8.95 -9.43
CA ASP A 118 -13.90 -10.38 -9.65
C ASP A 118 -12.54 -10.70 -10.29
N GLU A 119 -12.20 -9.97 -11.36
CA GLU A 119 -10.94 -10.20 -12.06
C GLU A 119 -9.72 -9.98 -11.16
N THR A 120 -9.74 -8.88 -10.41
CA THR A 120 -8.59 -8.57 -9.57
C THR A 120 -8.40 -9.64 -8.49
N ALA A 121 -9.50 -10.10 -7.89
CA ALA A 121 -9.35 -11.15 -6.88
C ALA A 121 -8.79 -12.42 -7.53
N ARG A 122 -9.16 -12.66 -8.78
CA ARG A 122 -8.68 -13.87 -9.45
C ARG A 122 -7.18 -13.82 -9.75
N GLU A 123 -6.59 -12.61 -9.74
CA GLU A 123 -5.15 -12.47 -9.98
C GLU A 123 -4.32 -12.94 -8.79
N VAL A 124 -4.91 -12.94 -7.59
CA VAL A 124 -4.18 -13.29 -6.40
C VAL A 124 -3.72 -14.76 -6.28
N PRO A 125 -4.66 -15.72 -6.26
CA PRO A 125 -6.11 -15.59 -6.31
C PRO A 125 -6.62 -15.66 -4.86
N VAL A 126 -7.78 -15.07 -4.63
CA VAL A 126 -8.39 -15.12 -3.32
C VAL A 126 -9.88 -15.03 -3.56
N PRO A 127 -10.67 -15.86 -2.88
CA PRO A 127 -12.11 -15.81 -3.09
C PRO A 127 -12.80 -14.65 -2.34
N ILE A 128 -13.88 -14.13 -2.94
CA ILE A 128 -14.72 -13.16 -2.28
C ILE A 128 -15.81 -14.06 -1.75
N VAL A 129 -15.77 -14.36 -0.47
CA VAL A 129 -16.67 -15.37 0.08
C VAL A 129 -18.02 -14.91 0.58
N THR A 130 -18.17 -13.61 0.81
CA THR A 130 -19.43 -13.11 1.32
C THR A 130 -19.50 -11.61 1.07
N GLY A 131 -20.67 -11.02 1.24
CA GLY A 131 -20.81 -9.60 1.01
C GLY A 131 -22.15 -9.06 1.39
N ASP A 132 -22.37 -7.82 1.01
CA ASP A 132 -23.64 -7.16 1.29
C ASP A 132 -23.77 -6.00 0.33
N THR A 133 -25.00 -5.70 -0.05
CA THR A 133 -25.26 -4.58 -0.94
C THR A 133 -26.44 -3.80 -0.36
N LYS A 134 -26.28 -2.48 -0.25
CA LYS A 134 -27.34 -1.60 0.27
C LYS A 134 -27.54 -0.49 -0.77
N VAL A 135 -28.79 -0.07 -0.98
CA VAL A 135 -29.08 1.01 -1.92
C VAL A 135 -29.60 2.17 -1.12
N VAL A 136 -29.18 3.39 -1.49
CA VAL A 136 -29.63 4.57 -0.79
C VAL A 136 -30.15 5.61 -1.79
N GLU A 137 -31.03 6.48 -1.31
CA GLU A 137 -31.59 7.51 -2.16
C GLU A 137 -30.60 8.67 -2.24
N ASP A 138 -29.63 8.69 -1.32
CA ASP A 138 -28.62 9.75 -1.31
C ASP A 138 -27.99 9.83 -2.68
N LYS A 139 -27.64 11.04 -3.09
CA LYS A 139 -27.04 11.26 -4.39
C LYS A 139 -25.56 10.92 -4.45
N ILE A 140 -25.25 9.66 -4.18
CA ILE A 140 -23.87 9.17 -4.24
C ILE A 140 -23.92 8.18 -5.40
N GLU A 141 -22.76 7.71 -5.84
CA GLU A 141 -22.76 6.71 -6.89
C GLU A 141 -22.51 5.36 -6.20
N MET A 142 -21.30 5.21 -5.66
CA MET A 142 -20.95 3.95 -5.00
C MET A 142 -19.77 4.03 -4.04
N PHE A 143 -19.88 3.33 -2.91
CA PHE A 143 -18.76 3.22 -1.98
C PHE A 143 -18.53 1.70 -1.90
N VAL A 144 -17.28 1.26 -1.79
CA VAL A 144 -17.01 -0.17 -1.71
C VAL A 144 -16.15 -0.35 -0.45
N ILE A 145 -16.56 -1.29 0.40
CA ILE A 145 -15.84 -1.53 1.65
C ILE A 145 -15.47 -2.99 1.64
N THR A 146 -14.17 -3.28 1.78
N THR A 146 -14.17 -3.27 1.76
CA THR A 146 -13.68 -4.63 1.73
CA THR A 146 -13.66 -4.62 1.74
C THR A 146 -12.93 -5.02 3.00
C THR A 146 -12.93 -5.02 3.00
N ALA A 147 -13.25 -6.20 3.52
CA ALA A 147 -12.58 -6.73 4.69
C ALA A 147 -11.84 -7.95 4.19
N GLY A 148 -10.73 -8.27 4.82
CA GLY A 148 -10.02 -9.45 4.39
C GLY A 148 -9.42 -10.22 5.55
N ILE A 149 -9.23 -11.52 5.33
N ILE A 149 -9.23 -11.52 5.33
CA ILE A 149 -8.62 -12.39 6.32
CA ILE A 149 -8.61 -12.38 6.32
C ILE A 149 -7.45 -13.09 5.64
C ILE A 149 -7.45 -13.09 5.65
N GLY A 150 -6.34 -13.18 6.36
CA GLY A 150 -5.17 -13.86 5.82
C GLY A 150 -4.54 -14.68 6.92
N ILE A 151 -3.64 -15.57 6.54
CA ILE A 151 -2.94 -16.40 7.52
C ILE A 151 -1.46 -16.14 7.34
N ALA A 152 -0.82 -15.69 8.42
CA ALA A 152 0.62 -15.41 8.39
C ALA A 152 1.37 -16.45 9.20
N GLU A 153 2.05 -17.36 8.52
CA GLU A 153 2.80 -18.38 9.25
C GLU A 153 4.05 -17.77 9.91
N HIS A 154 4.55 -16.68 9.34
CA HIS A 154 5.72 -15.98 9.88
C HIS A 154 5.35 -14.51 9.87
N PRO A 155 4.59 -14.06 10.89
CA PRO A 155 4.14 -12.67 11.02
C PRO A 155 5.23 -11.61 10.82
N VAL A 156 4.88 -10.55 10.12
CA VAL A 156 5.80 -9.42 9.89
C VAL A 156 5.00 -8.19 10.31
N SER A 157 5.65 -7.22 10.94
CA SER A 157 4.95 -6.00 11.32
C SER A 157 5.86 -4.81 11.11
N ASP A 158 5.34 -3.62 11.30
CA ASP A 158 6.17 -2.44 11.13
C ASP A 158 7.06 -2.17 12.34
N ALA A 159 7.04 -3.08 13.31
CA ALA A 159 7.82 -2.92 14.55
C ALA A 159 9.13 -3.72 14.60
N GLY A 160 9.41 -4.46 13.53
CA GLY A 160 10.58 -5.32 13.53
C GLY A 160 11.85 -4.88 12.82
N ALA A 161 11.93 -3.62 12.41
CA ALA A 161 13.14 -3.17 11.70
C ALA A 161 14.34 -3.20 12.66
N LYS A 162 15.49 -3.55 12.12
CA LYS A 162 16.73 -3.64 12.91
C LYS A 162 17.80 -2.69 12.36
N VAL A 163 18.70 -2.23 13.23
CA VAL A 163 19.74 -1.33 12.80
C VAL A 163 20.63 -2.00 11.77
N GLY A 164 20.88 -1.29 10.66
CA GLY A 164 21.70 -1.79 9.57
C GLY A 164 20.88 -2.35 8.41
N ASP A 165 19.59 -2.60 8.66
CA ASP A 165 18.72 -3.16 7.62
C ASP A 165 18.61 -2.23 6.41
N ALA A 166 18.33 -2.82 5.25
CA ALA A 166 18.16 -2.01 4.05
C ALA A 166 16.66 -1.73 3.90
N VAL A 167 16.33 -0.56 3.39
CA VAL A 167 14.95 -0.14 3.19
C VAL A 167 14.70 -0.14 1.68
N LEU A 168 13.71 -0.94 1.25
CA LEU A 168 13.39 -1.03 -0.17
C LEU A 168 11.96 -0.63 -0.49
N VAL A 169 11.76 -0.15 -1.72
CA VAL A 169 10.39 0.08 -2.19
C VAL A 169 10.29 -0.80 -3.43
N SER A 170 9.12 -1.37 -3.68
CA SER A 170 8.96 -2.26 -4.82
C SER A 170 8.77 -1.61 -6.20
N GLY A 171 8.71 -0.29 -6.25
CA GLY A 171 8.52 0.36 -7.52
C GLY A 171 8.44 1.85 -7.36
N THR A 172 7.99 2.53 -8.41
CA THR A 172 7.89 3.98 -8.41
C THR A 172 6.90 4.48 -7.37
N ILE A 173 7.18 5.67 -6.87
CA ILE A 173 6.42 6.24 -5.80
C ILE A 173 5.56 7.45 -6.19
N GLY A 174 4.32 7.44 -5.71
CA GLY A 174 3.37 8.52 -5.93
C GLY A 174 2.44 8.34 -7.11
N ASP A 175 2.62 7.27 -7.88
CA ASP A 175 1.80 7.08 -9.07
C ASP A 175 0.30 7.17 -8.87
N HIS A 176 -0.24 6.44 -7.90
CA HIS A 176 -1.68 6.44 -7.74
C HIS A 176 -2.26 7.82 -7.39
N GLY A 177 -1.82 8.38 -6.27
CA GLY A 177 -2.37 9.66 -5.87
C GLY A 177 -2.15 10.75 -6.89
N ILE A 178 -0.94 10.82 -7.47
CA ILE A 178 -0.68 11.88 -8.45
C ILE A 178 -1.47 11.65 -9.74
N ALA A 179 -1.61 10.38 -10.16
CA ALA A 179 -2.36 10.12 -11.41
C ALA A 179 -3.82 10.58 -11.26
N LEU A 180 -4.43 10.30 -10.11
CA LEU A 180 -5.82 10.67 -9.90
C LEU A 180 -5.99 12.17 -9.73
N MET A 181 -5.08 12.81 -8.98
CA MET A 181 -5.19 14.26 -8.80
C MET A 181 -4.96 14.94 -10.15
N SER A 182 -4.04 14.42 -10.94
CA SER A 182 -3.76 14.99 -12.26
C SER A 182 -4.99 14.91 -13.16
N HIS A 183 -5.60 13.73 -13.21
CA HIS A 183 -6.79 13.55 -14.02
C HIS A 183 -7.86 14.56 -13.60
N ARG A 184 -8.03 14.73 -12.29
CA ARG A 184 -9.02 15.66 -11.75
C ARG A 184 -8.79 17.09 -12.25
N GLU A 185 -7.53 17.45 -12.45
CA GLU A 185 -7.20 18.80 -12.87
C GLU A 185 -7.03 18.95 -14.38
N GLY A 186 -7.35 17.92 -15.13
CA GLY A 186 -7.21 17.98 -16.57
C GLY A 186 -5.77 17.98 -17.03
N ILE A 187 -4.86 17.58 -16.15
CA ILE A 187 -3.45 17.51 -16.52
C ILE A 187 -3.24 16.22 -17.30
N ALA A 188 -2.58 16.29 -18.45
CA ALA A 188 -2.33 15.10 -19.27
C ALA A 188 -0.91 15.09 -19.85
N PHE A 189 -0.32 13.89 -19.97
CA PHE A 189 1.04 13.72 -20.51
C PHE A 189 1.10 12.86 -21.77
N GLU A 190 2.17 13.01 -22.54
CA GLU A 190 2.36 12.23 -23.76
C GLU A 190 2.19 10.74 -23.43
N THR A 191 2.90 10.28 -22.40
CA THR A 191 2.75 8.90 -21.96
C THR A 191 1.76 9.01 -20.80
N GLU A 192 0.55 8.51 -20.99
CA GLU A 192 -0.49 8.62 -19.96
C GLU A 192 -0.06 8.24 -18.54
N LEU A 193 -0.34 9.13 -17.59
CA LEU A 193 -0.03 8.89 -16.19
C LEU A 193 -1.16 8.05 -15.59
N LYS A 194 -0.82 6.85 -15.17
CA LYS A 194 -1.83 5.94 -14.64
C LYS A 194 -1.53 5.50 -13.21
N SER A 195 -2.58 5.07 -12.54
CA SER A 195 -2.42 4.48 -11.22
C SER A 195 -1.65 3.17 -11.37
N ASP A 196 -1.04 2.71 -10.27
CA ASP A 196 -0.30 1.47 -10.22
C ASP A 196 -1.15 0.41 -9.51
N VAL A 197 -2.41 0.73 -9.25
CA VAL A 197 -3.24 -0.19 -8.47
C VAL A 197 -3.21 -1.66 -8.90
N ALA A 198 -2.81 -2.51 -7.96
CA ALA A 198 -2.69 -3.95 -8.21
C ALA A 198 -2.33 -4.67 -6.91
N PRO A 199 -2.71 -5.95 -6.83
CA PRO A 199 -2.38 -6.73 -5.63
C PRO A 199 -0.90 -7.11 -5.75
N ILE A 200 -0.14 -6.97 -4.67
CA ILE A 200 1.27 -7.30 -4.71
C ILE A 200 1.76 -8.35 -3.72
N TRP A 201 0.84 -9.23 -3.37
CA TRP A 201 1.17 -10.36 -2.52
C TRP A 201 2.25 -11.15 -3.28
N ASP A 202 2.13 -11.22 -4.60
CA ASP A 202 3.16 -11.94 -5.38
C ASP A 202 4.58 -11.36 -5.24
N VAL A 203 4.69 -10.04 -5.10
CA VAL A 203 5.99 -9.40 -4.95
C VAL A 203 6.57 -9.77 -3.58
N VAL A 204 5.73 -9.71 -2.54
CA VAL A 204 6.17 -10.05 -1.18
C VAL A 204 6.58 -11.53 -1.12
N LYS A 205 5.75 -12.41 -1.68
CA LYS A 205 6.07 -13.84 -1.71
C LYS A 205 7.38 -14.12 -2.45
N ALA A 206 7.61 -13.41 -3.54
CA ALA A 206 8.86 -13.63 -4.30
C ALA A 206 10.09 -13.38 -3.43
N VAL A 207 10.04 -12.34 -2.59
CA VAL A 207 11.17 -12.08 -1.72
C VAL A 207 11.27 -13.15 -0.63
N ALA A 208 10.16 -13.45 0.02
CA ALA A 208 10.18 -14.46 1.09
C ALA A 208 10.66 -15.84 0.60
N GLU A 209 10.24 -16.21 -0.60
CA GLU A 209 10.65 -17.49 -1.17
C GLU A 209 12.13 -17.50 -1.45
N THR A 210 12.74 -16.33 -1.59
CA THR A 210 14.18 -16.24 -1.85
C THR A 210 15.05 -16.12 -0.60
N ILE A 211 14.74 -15.14 0.25
CA ILE A 211 15.56 -14.91 1.43
C ILE A 211 15.03 -15.44 2.74
N GLY A 212 13.78 -15.91 2.75
CA GLY A 212 13.18 -16.43 3.97
C GLY A 212 12.47 -15.32 4.74
N TRP A 213 11.30 -15.63 5.29
CA TRP A 213 10.54 -14.64 6.06
C TRP A 213 11.33 -14.04 7.20
N GLU A 214 12.22 -14.82 7.80
N GLU A 214 12.21 -14.83 7.81
CA GLU A 214 13.02 -14.34 8.91
CA GLU A 214 13.02 -14.32 8.92
C GLU A 214 13.87 -13.12 8.56
C GLU A 214 13.86 -13.12 8.56
N ASN A 215 14.20 -12.98 7.28
CA ASN A 215 15.02 -11.86 6.83
C ASN A 215 14.24 -10.62 6.34
N ILE A 216 12.94 -10.70 6.37
CA ILE A 216 12.08 -9.58 6.08
C ILE A 216 11.68 -9.08 7.48
N HIS A 217 12.26 -7.97 7.90
CA HIS A 217 12.06 -7.47 9.26
C HIS A 217 10.87 -6.55 9.46
N ALA A 218 10.46 -5.86 8.40
CA ALA A 218 9.29 -4.96 8.49
C ALA A 218 8.74 -4.64 7.10
N MET A 219 7.44 -4.37 7.05
CA MET A 219 6.83 -3.95 5.78
C MET A 219 5.71 -2.95 6.09
N LYS A 220 5.35 -2.16 5.09
CA LYS A 220 4.22 -1.24 5.26
C LYS A 220 3.62 -1.07 3.88
N ASP A 221 2.29 -0.90 3.81
CA ASP A 221 1.57 -0.66 2.55
C ASP A 221 1.46 0.86 2.53
N PRO A 222 2.22 1.55 1.66
CA PRO A 222 2.20 3.01 1.61
C PRO A 222 1.02 3.67 0.94
N THR A 223 -0.16 3.47 1.53
CA THR A 223 -1.40 4.04 1.01
C THR A 223 -1.63 5.45 1.59
N ARG A 224 -2.61 5.60 2.46
CA ARG A 224 -2.87 6.92 3.05
C ARG A 224 -1.60 7.62 3.57
N ALA A 225 -1.37 8.86 3.10
CA ALA A 225 -0.25 9.68 3.52
C ALA A 225 1.09 9.21 2.98
N GLY A 226 1.04 8.29 2.04
CA GLY A 226 2.16 7.80 1.24
C GLY A 226 3.41 7.23 1.92
N LEU A 227 4.51 7.30 1.18
CA LEU A 227 5.76 6.71 1.58
C LEU A 227 6.26 7.37 2.86
N SER A 228 6.08 8.67 2.97
CA SER A 228 6.59 9.35 4.16
C SER A 228 5.88 8.85 5.43
N ASN A 229 4.57 8.68 5.35
CA ASN A 229 3.87 8.18 6.54
C ASN A 229 4.33 6.78 6.86
N ALA A 230 4.46 5.95 5.83
CA ALA A 230 4.89 4.56 6.01
C ALA A 230 6.25 4.47 6.69
N LEU A 231 7.22 5.26 6.20
CA LEU A 231 8.54 5.23 6.80
C LEU A 231 8.54 5.75 8.24
N ASN A 232 7.74 6.76 8.52
CA ASN A 232 7.68 7.29 9.90
C ASN A 232 7.05 6.26 10.82
N GLU A 233 6.07 5.50 10.32
N GLU A 233 6.06 5.50 10.33
CA GLU A 233 5.44 4.48 11.16
CA GLU A 233 5.44 4.48 11.17
C GLU A 233 6.46 3.39 11.50
C GLU A 233 6.46 3.39 11.50
N ILE A 234 7.23 2.95 10.51
CA ILE A 234 8.22 1.91 10.77
C ILE A 234 9.25 2.44 11.77
N ALA A 235 9.71 3.66 11.56
CA ALA A 235 10.72 4.23 12.46
C ALA A 235 10.22 4.31 13.91
N ARG A 236 9.00 4.82 14.08
N ARG A 236 9.00 4.82 14.08
CA ARG A 236 8.46 4.95 15.42
CA ARG A 236 8.46 4.96 15.42
C ARG A 236 8.10 3.62 16.08
C ARG A 236 8.10 3.62 16.08
N LYS A 237 7.45 2.72 15.34
CA LYS A 237 7.06 1.42 15.92
C LYS A 237 8.25 0.49 16.17
N SER A 238 9.29 0.59 15.34
CA SER A 238 10.48 -0.25 15.52
C SER A 238 11.49 0.43 16.44
N ASN A 239 11.22 1.69 16.76
CA ASN A 239 12.12 2.55 17.55
C ASN A 239 13.52 2.59 16.94
N VAL A 240 13.58 2.92 15.65
CA VAL A 240 14.84 3.02 14.93
C VAL A 240 14.79 4.28 14.08
N GLY A 241 15.96 4.74 13.64
CA GLY A 241 16.00 5.90 12.76
C GLY A 241 16.09 5.34 11.34
N ILE A 242 15.64 6.11 10.36
CA ILE A 242 15.74 5.68 8.96
C ILE A 242 16.38 6.79 8.15
N LEU A 243 17.43 6.45 7.41
CA LEU A 243 18.14 7.41 6.56
C LEU A 243 17.89 7.01 5.11
N VAL A 244 17.24 7.92 4.39
CA VAL A 244 16.87 7.72 2.99
C VAL A 244 17.65 8.64 2.07
N ARG A 245 18.14 8.08 0.98
CA ARG A 245 18.87 8.86 -0.02
C ARG A 245 17.81 9.29 -1.04
N GLU A 246 17.44 10.57 -1.04
CA GLU A 246 16.38 11.04 -1.93
C GLU A 246 16.54 10.67 -3.40
N ALA A 247 17.77 10.76 -3.90
CA ALA A 247 18.05 10.46 -5.29
C ALA A 247 17.74 9.03 -5.67
N ASP A 248 17.69 8.14 -4.67
CA ASP A 248 17.43 6.73 -4.92
C ASP A 248 15.94 6.35 -4.94
N ILE A 249 15.06 7.26 -4.52
CA ILE A 249 13.63 6.96 -4.55
C ILE A 249 13.16 7.01 -6.01
N PRO A 250 12.65 5.89 -6.54
CA PRO A 250 12.21 5.93 -7.94
C PRO A 250 10.93 6.74 -8.16
N ILE A 251 11.01 7.79 -8.99
CA ILE A 251 9.85 8.62 -9.27
C ILE A 251 9.77 8.79 -10.79
N ARG A 252 8.63 8.46 -11.39
CA ARG A 252 8.50 8.64 -12.84
C ARG A 252 8.55 10.13 -13.17
N PRO A 253 9.15 10.48 -14.32
CA PRO A 253 9.23 11.89 -14.72
C PRO A 253 7.89 12.60 -14.72
N GLU A 254 6.86 11.91 -15.20
N GLU A 254 6.85 11.93 -15.20
CA GLU A 254 5.51 12.50 -15.27
CA GLU A 254 5.54 12.57 -15.25
C GLU A 254 4.94 12.77 -13.89
C GLU A 254 4.95 12.78 -13.88
N VAL A 255 5.29 11.90 -12.94
CA VAL A 255 4.78 12.06 -11.58
C VAL A 255 5.50 13.25 -10.93
N ARG A 256 6.80 13.38 -11.22
CA ARG A 256 7.54 14.51 -10.67
C ARG A 256 6.94 15.83 -11.19
N ALA A 257 6.64 15.86 -12.49
CA ALA A 257 6.07 17.06 -13.11
C ALA A 257 4.68 17.39 -12.59
N ALA A 258 3.81 16.39 -12.56
CA ALA A 258 2.45 16.61 -12.09
C ALA A 258 2.46 17.02 -10.63
N SER A 259 3.34 16.40 -9.84
CA SER A 259 3.38 16.75 -8.42
C SER A 259 3.78 18.20 -8.25
N GLU A 260 4.69 18.69 -9.10
CA GLU A 260 5.09 20.09 -9.00
C GLU A 260 3.89 20.98 -9.33
N MET A 261 3.14 20.63 -10.37
CA MET A 261 1.98 21.44 -10.72
C MET A 261 0.88 21.44 -9.67
N LEU A 262 0.75 20.33 -8.98
CA LEU A 262 -0.26 20.15 -7.95
C LEU A 262 0.17 20.72 -6.60
N GLY A 263 1.46 20.96 -6.44
CA GLY A 263 1.98 21.51 -5.19
C GLY A 263 2.01 20.50 -4.06
N ILE A 264 2.21 19.22 -4.41
CA ILE A 264 2.21 18.18 -3.40
C ILE A 264 3.41 17.28 -3.62
N SER A 265 3.90 16.66 -2.56
CA SER A 265 5.06 15.79 -2.75
C SER A 265 4.60 14.38 -3.11
N PRO A 266 5.28 13.74 -4.07
CA PRO A 266 4.86 12.38 -4.42
C PRO A 266 5.11 11.42 -3.24
N TYR A 267 5.92 11.83 -2.26
CA TYR A 267 6.20 10.97 -1.11
C TYR A 267 5.04 10.97 -0.13
N ASP A 268 4.10 11.90 -0.32
CA ASP A 268 2.99 12.08 0.60
C ASP A 268 1.60 11.61 0.15
N VAL A 269 1.52 11.02 -1.05
CA VAL A 269 0.21 10.59 -1.53
C VAL A 269 0.16 9.07 -1.62
N ALA A 270 -1.05 8.56 -1.71
CA ALA A 270 -1.26 7.11 -1.74
C ALA A 270 -0.64 6.38 -2.92
N ASN A 271 -0.16 5.17 -2.63
CA ASN A 271 0.34 4.25 -3.65
C ASN A 271 -0.63 3.09 -3.52
N GLU A 272 -0.93 2.38 -4.61
CA GLU A 272 -1.85 1.27 -4.52
C GLU A 272 -1.34 -0.01 -5.18
N GLY A 273 -0.05 -0.04 -5.48
CA GLY A 273 0.55 -1.23 -6.06
C GLY A 273 1.99 -1.39 -5.62
N LYS A 274 2.29 -0.95 -4.39
CA LYS A 274 3.67 -0.97 -3.87
C LYS A 274 3.81 -1.46 -2.44
N VAL A 275 5.00 -1.91 -2.11
CA VAL A 275 5.26 -2.28 -0.74
C VAL A 275 6.59 -1.65 -0.31
N VAL A 276 6.65 -1.24 0.95
CA VAL A 276 7.87 -0.74 1.56
C VAL A 276 8.36 -1.96 2.36
N MET A 277 9.62 -2.37 2.15
CA MET A 277 10.11 -3.57 2.85
C MET A 277 11.49 -3.32 3.44
N VAL A 278 11.65 -3.72 4.71
CA VAL A 278 12.91 -3.57 5.44
C VAL A 278 13.49 -4.98 5.55
N VAL A 279 14.70 -5.14 5.02
N VAL A 279 14.70 -5.13 5.00
CA VAL A 279 15.35 -6.44 4.96
CA VAL A 279 15.36 -6.43 4.97
C VAL A 279 16.72 -6.46 5.63
C VAL A 279 16.72 -6.46 5.63
N ALA A 280 17.08 -7.64 6.15
CA ALA A 280 18.39 -7.86 6.77
C ALA A 280 19.41 -7.38 5.73
N ARG A 281 20.41 -6.60 6.17
CA ARG A 281 21.43 -6.04 5.27
C ARG A 281 22.07 -7.00 4.27
N GLU A 282 22.50 -8.17 4.75
CA GLU A 282 23.17 -9.15 3.90
C GLU A 282 22.29 -9.78 2.83
N TYR A 283 20.97 -9.54 2.90
CA TYR A 283 20.00 -10.09 1.90
C TYR A 283 19.39 -8.98 1.06
N ALA A 284 19.82 -7.73 1.24
CA ALA A 284 19.26 -6.61 0.49
C ALA A 284 19.31 -6.79 -1.02
N GLU A 285 20.48 -7.15 -1.53
CA GLU A 285 20.61 -7.35 -2.97
C GLU A 285 19.76 -8.51 -3.49
N GLU A 286 19.73 -9.62 -2.74
CA GLU A 286 18.91 -10.74 -3.14
C GLU A 286 17.44 -10.35 -3.17
N ALA A 287 17.02 -9.57 -2.16
CA ALA A 287 15.61 -9.14 -2.13
C ALA A 287 15.31 -8.23 -3.31
N LEU A 288 16.22 -7.29 -3.58
CA LEU A 288 16.04 -6.37 -4.70
C LEU A 288 15.91 -7.14 -6.01
N GLU A 289 16.82 -8.08 -6.22
CA GLU A 289 16.76 -8.88 -7.44
C GLU A 289 15.48 -9.73 -7.52
N ALA A 290 15.01 -10.26 -6.40
CA ALA A 290 13.79 -11.06 -6.42
C ALA A 290 12.59 -10.19 -6.87
N MET A 291 12.54 -8.96 -6.36
CA MET A 291 11.45 -8.08 -6.75
C MET A 291 11.56 -7.70 -8.22
N ARG A 292 12.78 -7.35 -8.65
CA ARG A 292 12.97 -6.92 -10.04
C ARG A 292 12.64 -8.02 -11.06
N LYS A 293 12.57 -9.27 -10.61
CA LYS A 293 12.22 -10.38 -11.50
C LYS A 293 10.69 -10.51 -11.70
N THR A 294 9.91 -9.85 -10.84
CA THR A 294 8.45 -9.90 -10.97
C THR A 294 8.02 -8.70 -11.83
N GLU A 295 6.87 -8.80 -12.47
CA GLU A 295 6.40 -7.72 -13.33
C GLU A 295 6.10 -6.46 -12.51
N LYS A 296 5.45 -6.65 -11.37
CA LYS A 296 5.11 -5.49 -10.55
C LYS A 296 6.25 -4.94 -9.71
N GLY A 297 7.36 -5.67 -9.63
CA GLY A 297 8.50 -5.17 -8.87
C GLY A 297 9.67 -4.75 -9.76
N ARG A 298 9.43 -4.62 -11.08
CA ARG A 298 10.50 -4.26 -12.02
C ARG A 298 11.33 -3.03 -11.67
N ASN A 299 10.69 -2.01 -11.08
CA ASN A 299 11.35 -0.78 -10.71
C ASN A 299 11.75 -0.67 -9.24
N ALA A 300 11.82 -1.81 -8.55
CA ALA A 300 12.19 -1.79 -7.13
C ALA A 300 13.57 -1.14 -6.93
N ALA A 301 13.77 -0.58 -5.75
CA ALA A 301 15.05 0.03 -5.42
C ALA A 301 15.34 0.01 -3.94
N ILE A 302 16.62 0.01 -3.59
CA ILE A 302 17.00 0.15 -2.19
C ILE A 302 17.07 1.67 -2.04
N ILE A 303 16.35 2.22 -1.06
CA ILE A 303 16.33 3.68 -0.89
C ILE A 303 16.96 4.19 0.39
N GLY A 304 17.38 3.29 1.27
CA GLY A 304 17.97 3.77 2.50
C GLY A 304 18.32 2.66 3.46
N GLU A 305 18.64 3.05 4.68
CA GLU A 305 18.99 2.05 5.69
C GLU A 305 18.56 2.51 7.07
N VAL A 306 18.44 1.54 7.95
CA VAL A 306 18.01 1.77 9.31
C VAL A 306 19.23 2.12 10.15
N ILE A 307 19.09 3.16 10.97
CA ILE A 307 20.19 3.64 11.81
C ILE A 307 19.84 3.65 13.27
N ALA A 308 20.87 3.79 14.11
CA ALA A 308 20.70 3.77 15.56
C ALA A 308 20.47 5.16 16.19
N ASP A 309 20.61 6.20 15.40
CA ASP A 309 20.38 7.56 15.93
C ASP A 309 19.04 8.12 15.47
N TYR A 310 18.58 9.20 16.11
CA TYR A 310 17.29 9.82 15.76
C TYR A 310 16.20 8.74 15.68
N ARG A 311 16.15 7.84 16.65
CA ARG A 311 15.15 6.76 16.61
C ARG A 311 13.75 7.32 16.61
N GLY A 312 12.93 6.87 15.65
CA GLY A 312 11.57 7.36 15.55
C GLY A 312 11.45 8.43 14.45
N LYS A 313 12.59 8.85 13.88
CA LYS A 313 12.61 9.86 12.81
C LYS A 313 13.13 9.30 11.49
N VAL A 314 12.77 9.99 10.41
CA VAL A 314 13.21 9.63 9.07
C VAL A 314 14.00 10.80 8.53
N LEU A 315 15.25 10.57 8.19
CA LEU A 315 16.13 11.61 7.66
C LEU A 315 16.30 11.45 6.17
N LEU A 316 16.17 12.55 5.45
CA LEU A 316 16.30 12.50 4.00
C LEU A 316 17.56 13.20 3.53
N GLU A 317 18.41 12.46 2.83
CA GLU A 317 19.62 13.06 2.29
C GLU A 317 19.17 13.59 0.93
N THR A 318 18.98 14.90 0.83
CA THR A 318 18.51 15.53 -0.40
C THR A 318 19.57 15.52 -1.49
N GLY A 319 19.13 15.28 -2.72
CA GLY A 319 20.03 15.25 -3.85
C GLY A 319 20.66 16.60 -4.10
N ILE A 320 19.87 17.65 -3.90
CA ILE A 320 20.35 19.02 -4.08
C ILE A 320 21.46 19.29 -3.05
N GLY A 321 21.69 18.30 -2.19
CA GLY A 321 22.71 18.43 -1.17
C GLY A 321 22.10 18.80 0.17
N GLY A 322 22.42 18.05 1.22
CA GLY A 322 21.87 18.36 2.53
C GLY A 322 21.02 17.26 3.14
N LYS A 323 20.52 17.53 4.34
CA LYS A 323 19.69 16.58 5.05
C LYS A 323 18.54 17.29 5.76
N ARG A 324 17.37 16.65 5.76
CA ARG A 324 16.19 17.22 6.41
C ARG A 324 15.31 16.07 6.88
N PHE A 325 14.42 16.34 7.82
CA PHE A 325 13.53 15.25 8.24
C PHE A 325 12.42 15.07 7.21
N MET A 326 12.08 13.81 6.90
CA MET A 326 10.98 13.53 5.99
C MET A 326 9.78 13.35 6.92
N GLU A 327 8.88 14.31 6.91
CA GLU A 327 7.72 14.25 7.80
C GLU A 327 6.46 13.88 7.03
N PRO A 328 5.52 13.19 7.69
CA PRO A 328 4.29 12.84 6.99
C PRO A 328 3.62 14.17 6.65
N PRO A 329 2.77 14.18 5.61
CA PRO A 329 2.08 15.42 5.20
C PRO A 329 1.31 16.03 6.37
N GLU A 330 1.45 17.35 6.54
CA GLU A 330 0.81 18.08 7.63
C GLU A 330 -0.71 18.06 7.71
N GLY A 331 -1.33 17.18 6.94
CA GLY A 331 -2.78 17.12 6.99
C GLY A 331 -3.47 16.90 5.66
N ASP A 332 -4.48 17.73 5.41
CA ASP A 332 -5.27 17.69 4.18
C ASP A 332 -5.23 16.38 3.41
N PRO A 333 -5.85 15.32 3.96
CA PRO A 333 -5.83 14.03 3.25
C PRO A 333 -6.40 14.26 1.85
N VAL A 334 -5.61 13.99 0.82
CA VAL A 334 -6.07 14.18 -0.56
C VAL A 334 -7.47 13.58 -0.67
N PRO A 335 -8.49 14.43 -0.86
CA PRO A 335 -9.89 14.00 -0.97
C PRO A 335 -10.19 12.91 -2.01
N ARG A 336 -10.96 11.92 -1.56
CA ARG A 336 -11.41 10.78 -2.35
C ARG A 336 -10.51 10.19 -3.46
N ILE A 337 -9.31 9.74 -3.09
CA ILE A 337 -8.43 9.13 -4.07
C ILE A 337 -8.21 7.65 -3.74
N CYS A 338 -8.74 7.19 -2.60
CA CYS A 338 -8.56 5.77 -2.28
C CYS A 338 -9.72 5.09 -1.57
#